data_9HBU
#
_entry.id   9HBU
#
_cell.length_a   1.00
_cell.length_b   1.00
_cell.length_c   1.00
_cell.angle_alpha   90.00
_cell.angle_beta   90.00
_cell.angle_gamma   90.00
#
_symmetry.space_group_name_H-M   'P 1'
#
loop_
_entity.id
_entity.type
_entity.pdbx_description
1 polymer 'Tilapia Lake Virus nucleoprotein (segment 4)'
2 polymer '40-mer vRNA loop'
#
loop_
_entity_poly.entity_id
_entity_poly.type
_entity_poly.pdbx_seq_one_letter_code
_entity_poly.pdbx_strand_id
1 'polypeptide(L)'
;MVRTTKTSMAAASTVAPEVAMDEGSPSTSQAQVELPRNLEVFNEACGHVFGSSFNREDNSVISDAAAFLFKMHTHSLDGQ
EAKVLRASEKKRERENAKKSRKAPEAGMRVGRSLILTSRWTEYCATCVPALGSKMKVIKASGDAAMIQMMKDHNSLLRVC
VRIEVWKARYVSLVALDERIQTLEDAQWFPYLSGDSYRACPGLVGGYFAKKAAAGERGKNYKKLNQTAIIPPPRFLIIGH
RLQIGDQVTLRELLASIAWGLCDGVLAECWSPSQGDGSIGVVVGLPLQATGSCFLVVASHGLSAIADSRIEGTGNTNLLE
ECIAIQKQDGVIKCKRSGKSLYHCLKETAGAVGR
;
C,D,E
2 'polyribonucleotide'
;(P5P)(P5P)(P5P)(Y5P)(Y5P)(Y5P)(Y5P)(Y5P)(Y5P)(Y5P)(Y5P)(Y5P)(Y5P)(P5P)(Y5P)(P5P)
(Y5P)(Y5P)(Y5P)(P5P)(P5P)(Y5P)(P5P)(Y5P)(P5P)(P5P)(P5P)(P5P)(P5P)(P5P)(P5P)(P5P)
(Y5P)(Y5P)(Y5P)(Y5P)(P5P)
;
H
#
# COMPACT_ATOMS: atom_id res chain seq x y z
N GLU A 34 1.90 41.94 -20.25
CA GLU A 34 0.57 42.23 -19.73
C GLU A 34 -0.02 41.00 -19.04
N LEU A 35 0.83 40.04 -18.71
CA LEU A 35 0.37 38.81 -18.08
C LEU A 35 -0.03 39.08 -16.63
N PRO A 36 -0.91 38.26 -16.06
CA PRO A 36 -1.29 38.45 -14.66
C PRO A 36 -0.10 38.28 -13.73
N ARG A 37 -0.15 38.96 -12.58
CA ARG A 37 0.94 38.86 -11.62
C ARG A 37 1.21 37.41 -11.23
N ASN A 38 0.17 36.57 -11.20
CA ASN A 38 0.36 35.17 -10.84
C ASN A 38 1.41 34.51 -11.72
N LEU A 39 1.41 34.82 -13.01
CA LEU A 39 2.39 34.25 -13.93
C LEU A 39 3.61 35.15 -14.11
N GLU A 40 3.44 36.46 -13.95
CA GLU A 40 4.57 37.37 -14.07
C GLU A 40 5.61 37.08 -13.00
N VAL A 41 5.16 36.82 -11.77
CA VAL A 41 6.11 36.54 -10.69
C VAL A 41 6.93 35.30 -11.01
N PHE A 42 6.26 34.24 -11.48
CA PHE A 42 6.97 33.01 -11.80
C PHE A 42 7.95 33.23 -12.95
N ASN A 43 7.53 33.95 -13.99
CA ASN A 43 8.42 34.20 -15.11
C ASN A 43 9.65 34.99 -14.66
N GLU A 44 9.44 36.03 -13.86
CA GLU A 44 10.57 36.82 -13.37
C GLU A 44 11.50 35.98 -12.52
N ALA A 45 10.94 35.16 -11.63
CA ALA A 45 11.78 34.32 -10.77
C ALA A 45 12.59 33.33 -11.60
N CYS A 46 11.93 32.65 -12.54
CA CYS A 46 12.65 31.67 -13.36
C CYS A 46 13.74 32.34 -14.17
N GLY A 47 13.46 33.50 -14.76
CA GLY A 47 14.49 34.20 -15.49
C GLY A 47 15.67 34.57 -14.60
N HIS A 48 15.39 35.25 -13.48
CA HIS A 48 16.46 35.69 -12.61
C HIS A 48 17.28 34.53 -12.07
N VAL A 49 16.68 33.35 -11.96
CA VAL A 49 17.39 32.20 -11.39
C VAL A 49 18.19 31.45 -12.45
N PHE A 50 17.62 31.23 -13.63
CA PHE A 50 18.21 30.32 -14.61
C PHE A 50 18.75 31.05 -15.85
N GLY A 51 18.84 32.37 -15.84
CA GLY A 51 19.42 33.02 -17.00
C GLY A 51 18.60 32.78 -18.25
N SER A 52 19.29 32.71 -19.38
CA SER A 52 18.65 32.44 -20.67
C SER A 52 18.51 30.95 -20.95
N SER A 53 19.14 30.08 -20.16
CA SER A 53 19.01 28.65 -20.37
C SER A 53 17.60 28.15 -20.08
N PHE A 54 16.78 28.95 -19.41
CA PHE A 54 15.43 28.55 -19.06
C PHE A 54 14.52 28.58 -20.29
N ASN A 55 14.41 27.45 -20.98
CA ASN A 55 13.52 27.35 -22.12
C ASN A 55 12.07 27.47 -21.65
N ARG A 56 11.28 28.27 -22.39
CA ARG A 56 9.89 28.50 -22.05
C ARG A 56 8.93 27.79 -22.99
N GLU A 57 9.39 26.73 -23.67
CA GLU A 57 8.56 26.00 -24.62
C GLU A 57 8.65 24.49 -24.46
N ASP A 58 9.29 24.00 -23.39
CA ASP A 58 9.41 22.57 -23.14
C ASP A 58 8.80 22.27 -21.77
N ASN A 59 7.90 21.27 -21.74
CA ASN A 59 7.24 20.93 -20.50
C ASN A 59 8.23 20.42 -19.46
N SER A 60 9.20 19.61 -19.88
CA SER A 60 10.18 19.10 -18.93
C SER A 60 11.00 20.23 -18.33
N VAL A 61 11.42 21.19 -19.16
CA VAL A 61 12.23 22.30 -18.66
C VAL A 61 11.45 23.12 -17.65
N ILE A 62 10.21 23.48 -18.00
CA ILE A 62 9.39 24.28 -17.09
C ILE A 62 9.14 23.52 -15.80
N SER A 63 8.86 22.22 -15.90
CA SER A 63 8.57 21.43 -14.72
C SER A 63 9.78 21.35 -13.79
N ASP A 64 10.96 21.12 -14.36
CA ASP A 64 12.17 21.07 -13.53
C ASP A 64 12.43 22.40 -12.86
N ALA A 65 12.30 23.50 -13.62
CA ALA A 65 12.52 24.82 -13.03
C ALA A 65 11.51 25.10 -11.92
N ALA A 66 10.24 24.75 -12.14
CA ALA A 66 9.21 24.97 -11.14
C ALA A 66 9.49 24.15 -9.89
N ALA A 67 9.91 22.89 -10.06
CA ALA A 67 10.23 22.07 -8.90
C ALA A 67 11.39 22.66 -8.11
N PHE A 68 12.44 23.13 -8.82
CA PHE A 68 13.57 23.73 -8.11
C PHE A 68 13.14 24.98 -7.36
N LEU A 69 12.32 25.83 -7.97
CA LEU A 69 11.86 27.03 -7.29
C LEU A 69 10.97 26.70 -6.10
N PHE A 70 10.14 25.66 -6.24
CA PHE A 70 9.33 25.21 -5.12
C PHE A 70 10.19 24.76 -3.96
N LYS A 71 11.26 24.00 -4.26
CA LYS A 71 12.19 23.62 -3.20
C LYS A 71 12.84 24.85 -2.59
N MET A 72 13.22 25.81 -3.43
CA MET A 72 13.90 27.01 -2.93
C MET A 72 13.01 27.81 -1.99
N HIS A 73 11.73 27.95 -2.32
CA HIS A 73 10.79 28.71 -1.50
C HIS A 73 10.27 27.91 -0.31
N THR A 74 10.63 26.63 -0.21
CA THR A 74 10.33 25.84 0.97
C THR A 74 11.56 25.58 1.83
N HIS A 75 12.68 26.24 1.53
CA HIS A 75 13.90 26.09 2.32
C HIS A 75 14.33 24.63 2.40
N SER A 76 14.13 23.89 1.32
CA SER A 76 14.46 22.47 1.28
C SER A 76 15.78 22.19 0.56
N LEU A 77 16.50 23.22 0.12
CA LEU A 77 17.76 23.03 -0.57
C LEU A 77 18.90 22.88 0.45
N ASP A 78 20.13 22.80 -0.07
CA ASP A 78 21.29 22.72 0.78
C ASP A 78 21.70 24.12 1.24
N GLY A 79 22.13 24.21 2.49
CA GLY A 79 22.58 25.48 3.03
C GLY A 79 21.48 26.47 3.31
N GLN A 80 20.24 26.02 3.47
CA GLN A 80 19.11 26.87 3.76
C GLN A 80 18.68 26.68 5.20
N GLU A 81 17.62 27.40 5.58
CA GLU A 81 17.16 27.37 6.97
C GLU A 81 16.75 25.95 7.36
N ALA A 82 16.55 25.76 8.66
CA ALA A 82 16.24 24.46 9.24
C ALA A 82 14.87 24.49 9.87
N LYS A 83 14.04 23.49 9.53
CA LYS A 83 12.69 23.37 10.08
C LYS A 83 12.78 22.57 11.37
N VAL A 84 12.91 23.28 12.48
CA VAL A 84 13.15 22.65 13.78
C VAL A 84 12.14 23.15 14.80
N LEU A 85 10.95 23.51 14.34
CA LEU A 85 9.92 24.00 15.26
C LEU A 85 9.53 22.92 16.26
N ARG A 86 9.20 21.73 15.76
CA ARG A 86 8.84 20.59 16.62
C ARG A 86 9.46 19.31 16.09
N ALA A 87 10.58 19.40 15.39
CA ALA A 87 11.19 18.24 14.77
C ALA A 87 11.71 17.26 15.82
N SER A 88 11.55 15.97 15.54
CA SER A 88 12.04 14.94 16.43
C SER A 88 13.56 14.86 16.33
N GLU A 89 14.14 13.91 17.08
CA GLU A 89 15.59 13.83 17.18
C GLU A 89 16.24 13.60 15.82
N LYS A 90 15.79 12.57 15.09
CA LYS A 90 16.37 12.30 13.78
C LYS A 90 16.09 13.45 12.81
N LYS A 91 14.88 13.99 12.84
CA LYS A 91 14.56 15.12 11.97
C LYS A 91 15.39 16.33 12.34
N ARG A 92 15.61 16.57 13.64
CA ARG A 92 16.46 17.66 14.06
C ARG A 92 17.88 17.49 13.53
N GLU A 93 18.43 16.27 13.65
CA GLU A 93 19.77 16.03 13.16
C GLU A 93 19.86 16.22 11.65
N ARG A 94 18.85 15.73 10.92
CA ARG A 94 18.85 15.90 9.47
C ARG A 94 18.79 17.37 9.09
N GLU A 95 17.95 18.15 9.77
CA GLU A 95 17.85 19.57 9.48
C GLU A 95 19.16 20.28 9.78
N ASN A 96 19.80 19.94 10.90
CA ASN A 96 21.08 20.56 11.22
C ASN A 96 22.13 20.21 10.18
N ALA A 97 22.18 18.95 9.74
CA ALA A 97 23.15 18.56 8.73
C ALA A 97 22.90 19.30 7.42
N LYS A 98 21.63 19.40 7.01
CA LYS A 98 21.32 20.13 5.78
C LYS A 98 21.72 21.58 5.88
N LYS A 99 21.44 22.22 7.03
CA LYS A 99 21.84 23.60 7.24
C LYS A 99 23.35 23.75 7.14
N SER A 100 24.10 22.84 7.77
CA SER A 100 25.54 22.88 7.66
C SER A 100 26.02 22.57 6.25
N ARG A 101 25.25 21.78 5.50
CA ARG A 101 25.67 21.36 4.17
C ARG A 101 25.82 22.57 3.26
N LYS A 102 26.89 22.54 2.44
CA LYS A 102 27.18 23.66 1.56
C LYS A 102 26.04 23.88 0.58
N ALA A 103 25.73 25.16 0.33
CA ALA A 103 24.65 25.51 -0.57
C ALA A 103 25.09 25.34 -2.03
N PRO A 104 24.14 25.25 -2.95
CA PRO A 104 24.50 25.13 -4.37
C PRO A 104 25.29 26.35 -4.83
N GLU A 105 26.16 26.13 -5.81
CA GLU A 105 26.97 27.19 -6.40
C GLU A 105 26.49 27.48 -7.82
N ALA A 106 26.87 28.65 -8.32
CA ALA A 106 26.43 29.07 -9.64
C ALA A 106 26.96 28.12 -10.71
N GLY A 107 26.19 27.99 -11.78
CA GLY A 107 26.54 27.07 -12.85
C GLY A 107 26.10 25.64 -12.64
N MET A 108 25.46 25.34 -11.51
CA MET A 108 25.03 23.98 -11.24
C MET A 108 24.02 23.52 -12.29
N ARG A 109 24.12 22.25 -12.67
CA ARG A 109 23.22 21.66 -13.63
C ARG A 109 22.02 21.05 -12.90
N VAL A 110 20.83 21.59 -13.16
CA VAL A 110 19.60 21.09 -12.56
C VAL A 110 18.72 20.57 -13.69
N GLY A 111 18.20 19.36 -13.52
CA GLY A 111 17.39 18.75 -14.56
C GLY A 111 18.23 18.27 -15.72
N ARG A 112 17.93 18.75 -16.92
CA ARG A 112 18.65 18.32 -18.12
C ARG A 112 19.12 19.51 -18.95
N SER A 113 18.40 20.62 -18.89
CA SER A 113 18.71 21.78 -19.72
C SER A 113 18.60 23.09 -18.96
N LEU A 114 18.90 23.07 -17.66
CA LEU A 114 18.82 24.26 -16.82
C LEU A 114 20.13 24.41 -16.06
N ILE A 115 20.69 25.62 -16.08
CA ILE A 115 21.93 25.94 -15.39
C ILE A 115 21.70 27.19 -14.55
N LEU A 116 22.15 27.15 -13.30
CA LEU A 116 21.95 28.27 -12.40
C LEU A 116 22.81 29.47 -12.83
N THR A 117 22.39 30.65 -12.37
CA THR A 117 23.11 31.88 -12.60
C THR A 117 23.57 32.46 -11.27
N SER A 118 24.70 33.17 -11.30
CA SER A 118 25.25 33.73 -10.07
C SER A 118 24.25 34.64 -9.37
N ARG A 119 23.34 35.25 -10.13
CA ARG A 119 22.33 36.12 -9.53
C ARG A 119 21.39 35.36 -8.61
N TRP A 120 21.22 34.05 -8.80
CA TRP A 120 20.21 33.31 -8.07
C TRP A 120 20.35 33.54 -6.56
N THR A 121 21.57 33.49 -6.04
CA THR A 121 21.78 33.70 -4.61
C THR A 121 21.13 35.00 -4.16
N GLU A 122 21.45 36.10 -4.86
CA GLU A 122 20.83 37.38 -4.55
C GLU A 122 19.31 37.24 -4.54
N TYR A 123 18.75 36.62 -5.58
CA TYR A 123 17.32 36.37 -5.59
C TYR A 123 16.91 35.56 -4.37
N CYS A 124 17.59 34.43 -4.14
CA CYS A 124 17.28 33.63 -2.96
C CYS A 124 17.50 34.41 -1.68
N ALA A 125 18.36 35.43 -1.71
CA ALA A 125 18.58 36.26 -0.53
C ALA A 125 17.43 37.24 -0.30
N THR A 126 16.76 37.67 -1.36
CA THR A 126 15.76 38.72 -1.27
C THR A 126 14.34 38.21 -1.39
N CYS A 127 14.02 37.50 -2.48
CA CYS A 127 12.63 37.13 -2.73
C CYS A 127 12.16 36.03 -1.79
N VAL A 128 13.03 35.12 -1.40
CA VAL A 128 12.63 34.01 -0.54
C VAL A 128 12.35 34.56 0.86
N PRO A 129 11.13 34.42 1.39
CA PRO A 129 10.88 34.88 2.76
C PRO A 129 11.64 34.03 3.77
N ALA A 130 11.95 34.65 4.91
CA ALA A 130 12.65 33.94 5.97
C ALA A 130 11.79 32.81 6.51
N LEU A 131 12.45 31.75 6.96
CA LEU A 131 11.73 30.58 7.45
C LEU A 131 10.82 30.95 8.61
N GLY A 132 9.61 30.41 8.60
CA GLY A 132 8.66 30.62 9.66
C GLY A 132 7.86 31.89 9.55
N SER A 133 8.23 32.81 8.67
CA SER A 133 7.47 34.05 8.52
C SER A 133 6.03 33.73 8.16
N LYS A 134 5.10 34.40 8.83
CA LYS A 134 3.67 34.21 8.63
C LYS A 134 3.04 35.50 8.14
N MET A 135 2.02 35.37 7.30
CA MET A 135 1.35 36.55 6.77
C MET A 135 0.81 37.44 7.89
N LYS A 136 0.48 36.85 9.04
CA LYS A 136 0.01 37.65 10.16
C LYS A 136 1.06 38.67 10.57
N VAL A 137 2.30 38.23 10.74
CA VAL A 137 3.36 39.13 11.18
C VAL A 137 3.62 40.20 10.12
N ILE A 138 3.64 39.81 8.84
CA ILE A 138 3.90 40.76 7.78
C ILE A 138 2.82 41.83 7.75
N LYS A 139 1.55 41.43 7.86
CA LYS A 139 0.46 42.39 7.85
C LYS A 139 0.52 43.29 9.08
N ALA A 140 0.85 42.72 10.25
CA ALA A 140 0.95 43.53 11.45
C ALA A 140 2.05 44.57 11.34
N SER A 141 3.18 44.20 10.72
CA SER A 141 4.28 45.15 10.56
C SER A 141 3.86 46.34 9.72
N GLY A 142 3.07 46.11 8.68
CA GLY A 142 2.60 47.17 7.81
C GLY A 142 3.51 47.50 6.64
N ASP A 143 4.63 46.80 6.50
CA ASP A 143 5.53 47.06 5.38
C ASP A 143 4.87 46.66 4.07
N ALA A 144 4.67 47.64 3.18
CA ALA A 144 4.06 47.35 1.88
C ALA A 144 4.96 46.43 1.06
N ALA A 145 6.27 46.68 1.09
CA ALA A 145 7.19 45.86 0.31
C ALA A 145 7.13 44.40 0.74
N MET A 146 7.16 44.16 2.05
CA MET A 146 7.11 42.79 2.54
C MET A 146 5.76 42.14 2.25
N ILE A 147 4.67 42.92 2.33
CA ILE A 147 3.35 42.37 2.04
C ILE A 147 3.28 41.94 0.58
N GLN A 148 3.77 42.77 -0.33
CA GLN A 148 3.78 42.40 -1.74
C GLN A 148 4.70 41.20 -1.97
N MET A 149 5.83 41.15 -1.26
CA MET A 149 6.72 40.00 -1.38
C MET A 149 6.02 38.71 -0.97
N MET A 150 5.25 38.76 0.13
CA MET A 150 4.55 37.56 0.58
C MET A 150 3.43 37.17 -0.38
N LYS A 151 2.73 38.15 -0.94
CA LYS A 151 1.71 37.82 -1.94
C LYS A 151 2.35 37.17 -3.16
N ASP A 152 3.49 37.70 -3.61
CA ASP A 152 4.19 37.10 -4.73
C ASP A 152 4.67 35.69 -4.40
N HIS A 153 5.14 35.48 -3.16
CA HIS A 153 5.56 34.15 -2.75
C HIS A 153 4.40 33.17 -2.77
N ASN A 154 3.23 33.58 -2.29
CA ASN A 154 2.06 32.71 -2.32
C ASN A 154 1.69 32.35 -3.75
N SER A 155 1.67 33.35 -4.64
CA SER A 155 1.34 33.08 -6.03
C SER A 155 2.34 32.14 -6.67
N LEU A 156 3.63 32.33 -6.38
CA LEU A 156 4.66 31.46 -6.93
C LEU A 156 4.48 30.03 -6.44
N LEU A 157 4.17 29.86 -5.16
CA LEU A 157 3.95 28.52 -4.64
C LEU A 157 2.76 27.85 -5.31
N ARG A 158 1.68 28.61 -5.52
CA ARG A 158 0.52 28.04 -6.21
C ARG A 158 0.88 27.60 -7.62
N VAL A 159 1.61 28.46 -8.36
CA VAL A 159 1.97 28.13 -9.72
C VAL A 159 2.86 26.88 -9.76
N CYS A 160 3.85 26.82 -8.85
CA CYS A 160 4.76 25.68 -8.84
C CYS A 160 4.03 24.40 -8.47
N VAL A 161 3.04 24.46 -7.58
CA VAL A 161 2.30 23.25 -7.23
C VAL A 161 1.43 22.81 -8.39
N ARG A 162 0.84 23.75 -9.13
CA ARG A 162 0.08 23.36 -10.32
C ARG A 162 1.00 22.65 -11.31
N ILE A 163 2.19 23.20 -11.53
CA ILE A 163 3.14 22.58 -12.45
C ILE A 163 3.51 21.18 -11.96
N GLU A 164 3.75 21.04 -10.66
CA GLU A 164 4.15 19.74 -10.11
C GLU A 164 3.03 18.71 -10.26
N VAL A 165 1.78 19.13 -10.05
CA VAL A 165 0.66 18.21 -10.21
C VAL A 165 0.56 17.74 -11.66
N TRP A 166 0.70 18.67 -12.61
CA TRP A 166 0.66 18.27 -14.01
C TRP A 166 1.81 17.33 -14.34
N LYS A 167 2.99 17.59 -13.78
CA LYS A 167 4.13 16.70 -14.02
C LYS A 167 3.85 15.31 -13.46
N ALA A 168 3.22 15.24 -12.29
CA ALA A 168 2.86 13.94 -11.71
C ALA A 168 1.89 13.20 -12.62
N ARG A 169 0.90 13.90 -13.16
CA ARG A 169 -0.01 13.26 -14.10
C ARG A 169 0.73 12.76 -15.33
N TYR A 170 1.63 13.58 -15.88
CA TYR A 170 2.37 13.19 -17.07
C TYR A 170 3.20 11.94 -16.81
N VAL A 171 3.86 11.88 -15.65
CA VAL A 171 4.63 10.69 -15.31
C VAL A 171 3.70 9.48 -15.16
N SER A 172 2.58 9.67 -14.48
CA SER A 172 1.67 8.55 -14.26
C SER A 172 1.14 7.99 -15.57
N LEU A 173 1.02 8.82 -16.60
CA LEU A 173 0.44 8.34 -17.85
C LEU A 173 1.29 7.28 -18.54
N VAL A 174 2.55 7.11 -18.15
CA VAL A 174 3.43 6.12 -18.78
C VAL A 174 3.92 5.08 -17.78
N ALA A 175 4.33 5.52 -16.58
CA ALA A 175 4.77 4.62 -15.52
C ALA A 175 3.90 4.85 -14.29
N LEU A 176 3.34 3.77 -13.77
CA LEU A 176 2.37 3.86 -12.67
C LEU A 176 3.07 3.69 -11.33
N ASP A 177 2.59 4.42 -10.33
CA ASP A 177 3.17 4.35 -9.00
C ASP A 177 2.92 2.97 -8.39
N GLU A 178 3.92 2.48 -7.64
CA GLU A 178 3.77 1.20 -6.96
C GLU A 178 2.87 1.31 -5.75
N ARG A 179 2.68 2.52 -5.20
CA ARG A 179 1.80 2.69 -4.05
C ARG A 179 0.36 2.37 -4.42
N ILE A 180 -0.08 2.79 -5.61
CA ILE A 180 -1.46 2.61 -6.04
C ILE A 180 -1.65 1.16 -6.45
N GLN A 181 -2.42 0.42 -5.66
CA GLN A 181 -2.71 -0.98 -5.94
C GLN A 181 -4.21 -1.28 -5.93
N THR A 182 -4.98 -0.61 -5.06
CA THR A 182 -6.42 -0.80 -4.97
C THR A 182 -7.12 0.55 -5.18
N LEU A 183 -8.41 0.47 -5.46
CA LEU A 183 -9.18 1.70 -5.70
C LEU A 183 -9.09 2.65 -4.52
N GLU A 184 -8.91 2.12 -3.31
CA GLU A 184 -8.76 2.99 -2.15
C GLU A 184 -7.50 3.84 -2.27
N ASP A 185 -6.39 3.24 -2.72
CA ASP A 185 -5.17 4.00 -2.92
C ASP A 185 -5.23 4.88 -4.16
N ALA A 186 -5.93 4.43 -5.21
CA ALA A 186 -6.09 5.23 -6.41
C ALA A 186 -6.98 6.44 -6.20
N GLN A 187 -7.65 6.54 -5.06
CA GLN A 187 -8.52 7.67 -4.78
C GLN A 187 -7.75 8.91 -4.34
N TRP A 188 -6.48 8.77 -3.95
CA TRP A 188 -5.72 9.86 -3.36
C TRP A 188 -4.61 10.38 -4.29
N PHE A 189 -4.54 9.90 -5.52
CA PHE A 189 -3.56 10.43 -6.46
C PHE A 189 -3.93 11.87 -6.80
N PRO A 190 -2.94 12.77 -6.97
CA PRO A 190 -1.49 12.61 -6.85
C PRO A 190 -0.99 12.57 -5.40
N TYR A 191 0.13 11.90 -5.19
CA TYR A 191 0.77 11.80 -3.87
C TYR A 191 1.92 12.80 -3.82
N LEU A 192 1.70 13.92 -3.16
CA LEU A 192 2.69 14.98 -3.05
C LEU A 192 2.93 15.32 -1.59
N SER A 193 4.03 16.02 -1.34
CA SER A 193 4.44 16.36 0.02
C SER A 193 3.43 17.31 0.67
N GLY A 194 3.65 17.63 1.95
CA GLY A 194 2.70 18.47 2.66
C GLY A 194 2.62 19.88 2.12
N ASP A 195 3.76 20.45 1.73
CA ASP A 195 3.76 21.81 1.21
C ASP A 195 2.90 21.93 -0.04
N SER A 196 2.99 20.95 -0.93
CA SER A 196 2.17 20.97 -2.14
C SER A 196 0.69 20.98 -1.77
N TYR A 197 0.29 20.14 -0.82
CA TYR A 197 -1.10 20.13 -0.40
C TYR A 197 -1.52 21.47 0.18
N ARG A 198 -0.66 22.07 1.01
CA ARG A 198 -1.00 23.34 1.63
C ARG A 198 -1.20 24.42 0.59
N ALA A 199 -0.33 24.46 -0.43
CA ALA A 199 -0.43 25.52 -1.43
C ALA A 199 -1.72 25.40 -2.24
N CYS A 200 -2.02 24.20 -2.73
CA CYS A 200 -3.21 23.95 -3.56
C CYS A 200 -3.91 22.70 -3.04
N PRO A 201 -4.65 22.81 -1.94
CA PRO A 201 -5.40 21.64 -1.46
C PRO A 201 -6.42 21.12 -2.45
N GLY A 202 -6.93 21.97 -3.34
CA GLY A 202 -8.00 21.54 -4.23
C GLY A 202 -7.59 20.42 -5.16
N LEU A 203 -6.40 20.51 -5.73
CA LEU A 203 -5.93 19.56 -6.74
C LEU A 203 -5.02 18.48 -6.17
N VAL A 204 -4.26 18.79 -5.13
CA VAL A 204 -3.27 17.85 -4.60
C VAL A 204 -3.94 16.87 -3.66
N GLY A 205 -3.49 15.62 -3.70
CA GLY A 205 -3.94 14.60 -2.77
C GLY A 205 -2.82 14.19 -1.85
N GLY A 206 -2.60 12.89 -1.71
CA GLY A 206 -1.50 12.40 -0.91
C GLY A 206 -1.88 12.11 0.53
N TYR A 207 -0.83 11.89 1.34
CA TYR A 207 -1.04 11.52 2.72
C TYR A 207 -1.78 12.62 3.48
N PHE A 208 -1.41 13.87 3.26
CA PHE A 208 -2.04 14.97 4.01
C PHE A 208 -3.49 15.16 3.58
N ALA A 209 -3.82 14.92 2.31
CA ALA A 209 -5.22 14.94 1.91
C ALA A 209 -6.01 13.86 2.64
N LYS A 210 -5.42 12.67 2.78
CA LYS A 210 -6.07 11.60 3.54
C LYS A 210 -6.28 12.02 4.99
N LYS A 211 -5.27 12.65 5.59
CA LYS A 211 -5.38 13.10 6.98
C LYS A 211 -6.50 14.13 7.12
N ALA A 212 -6.55 15.10 6.20
CA ALA A 212 -7.60 16.12 6.26
C ALA A 212 -8.97 15.49 6.10
N ALA A 213 -9.11 14.53 5.19
CA ALA A 213 -10.39 13.86 5.01
C ALA A 213 -10.80 13.12 6.28
N ALA A 214 -9.84 12.44 6.91
CA ALA A 214 -10.12 11.74 8.16
C ALA A 214 -10.46 12.71 9.29
N GLY A 215 -9.95 13.93 9.24
CA GLY A 215 -10.19 14.89 10.30
C GLY A 215 -11.63 15.33 10.42
N GLU A 216 -12.11 16.06 9.42
CA GLU A 216 -13.47 16.59 9.44
C GLU A 216 -13.72 17.34 8.14
N ARG A 217 -14.97 17.77 7.95
CA ARG A 217 -15.38 18.56 6.80
C ARG A 217 -15.85 19.92 7.28
N GLY A 218 -15.35 20.98 6.67
CA GLY A 218 -15.70 22.32 7.09
C GLY A 218 -15.59 23.31 5.95
N LYS A 219 -15.68 24.59 6.31
CA LYS A 219 -15.63 25.65 5.30
C LYS A 219 -14.29 25.67 4.58
N ASN A 220 -13.18 25.52 5.32
CA ASN A 220 -11.86 25.54 4.71
C ASN A 220 -11.56 24.26 3.93
N TYR A 221 -12.24 23.17 4.27
CA TYR A 221 -11.97 21.89 3.60
C TYR A 221 -12.36 21.96 2.13
N LYS A 222 -11.53 21.38 1.27
CA LYS A 222 -11.77 21.32 -0.16
C LYS A 222 -11.79 19.86 -0.60
N LYS A 223 -12.62 19.56 -1.59
CA LYS A 223 -12.77 18.21 -2.10
C LYS A 223 -11.82 17.99 -3.27
N LEU A 224 -11.02 16.93 -3.20
CA LEU A 224 -10.05 16.65 -4.24
C LEU A 224 -10.73 16.44 -5.58
N ASN A 225 -10.19 17.10 -6.61
CA ASN A 225 -10.69 17.00 -7.98
C ASN A 225 -9.58 16.39 -8.81
N GLN A 226 -9.54 15.05 -8.87
CA GLN A 226 -8.41 14.36 -9.45
C GLN A 226 -8.26 14.59 -10.95
N THR A 227 -9.28 15.15 -11.61
CA THR A 227 -9.27 15.30 -13.06
C THR A 227 -9.53 16.74 -13.47
N ALA A 228 -9.04 17.69 -12.69
CA ALA A 228 -9.16 19.09 -13.06
C ALA A 228 -8.26 19.41 -14.24
N ILE A 229 -8.72 20.36 -15.06
CA ILE A 229 -7.97 20.74 -16.27
C ILE A 229 -6.84 21.67 -15.85
N ILE A 230 -5.61 21.19 -15.96
CA ILE A 230 -4.41 21.98 -15.73
C ILE A 230 -3.76 22.21 -17.10
N PRO A 231 -3.71 23.46 -17.59
CA PRO A 231 -3.04 23.69 -18.86
C PRO A 231 -1.60 23.26 -18.78
N PRO A 232 -1.02 22.78 -19.89
CA PRO A 232 0.36 22.32 -19.85
C PRO A 232 1.28 23.45 -19.42
N PRO A 233 2.40 23.12 -18.78
CA PRO A 233 3.29 24.19 -18.28
C PRO A 233 3.67 25.19 -19.36
N ARG A 234 3.91 24.75 -20.59
CA ARG A 234 4.17 25.71 -21.66
C ARG A 234 2.98 26.58 -21.96
N PHE A 235 1.79 26.23 -21.48
CA PHE A 235 0.61 27.07 -21.60
C PHE A 235 0.24 27.77 -20.30
N LEU A 236 0.65 27.22 -19.16
CA LEU A 236 0.23 27.77 -17.87
C LEU A 236 0.95 29.07 -17.55
N ILE A 237 2.24 29.15 -17.87
CA ILE A 237 3.06 30.29 -17.48
C ILE A 237 2.82 31.48 -18.41
N ILE A 238 1.92 31.31 -19.39
CA ILE A 238 1.63 32.38 -20.33
C ILE A 238 0.12 32.57 -20.46
N GLY A 239 -0.63 32.01 -19.51
CA GLY A 239 -2.07 32.21 -19.50
C GLY A 239 -2.77 31.74 -20.77
N HIS A 240 -2.36 30.60 -21.30
CA HIS A 240 -2.92 30.05 -22.53
C HIS A 240 -3.90 28.94 -22.13
N ARG A 241 -5.14 29.33 -21.84
CA ARG A 241 -6.15 28.36 -21.45
C ARG A 241 -6.30 27.30 -22.53
N LEU A 242 -6.32 26.04 -22.12
CA LEU A 242 -6.49 24.95 -23.06
C LEU A 242 -7.86 25.07 -23.73
N GLN A 243 -7.87 24.96 -25.06
CA GLN A 243 -9.09 25.16 -25.83
C GLN A 243 -9.01 24.36 -27.11
N ILE A 244 -10.18 24.12 -27.71
CA ILE A 244 -10.25 23.34 -28.93
C ILE A 244 -9.47 24.05 -30.02
N GLY A 245 -8.65 23.28 -30.75
CA GLY A 245 -7.82 23.84 -31.79
C GLY A 245 -6.39 24.15 -31.37
N ASP A 246 -5.98 23.72 -30.19
CA ASP A 246 -4.63 23.95 -29.69
C ASP A 246 -3.76 22.73 -29.93
N GLN A 247 -2.61 22.93 -30.55
CA GLN A 247 -1.72 21.81 -30.87
C GLN A 247 -1.04 21.31 -29.60
N VAL A 248 -1.25 20.04 -29.27
CA VAL A 248 -0.67 19.43 -28.08
C VAL A 248 -0.45 17.95 -28.34
N THR A 249 0.61 17.42 -27.74
CA THR A 249 0.87 15.98 -27.83
C THR A 249 -0.26 15.21 -27.13
N LEU A 250 -0.42 13.94 -27.53
CA LEU A 250 -1.46 13.12 -26.92
C LEU A 250 -1.23 12.98 -25.41
N ARG A 251 0.02 12.71 -25.02
CA ARG A 251 0.32 12.60 -23.60
C ARG A 251 0.11 13.94 -22.89
N GLU A 252 0.48 15.04 -23.55
CA GLU A 252 0.25 16.36 -22.95
C GLU A 252 -1.21 16.58 -22.66
N LEU A 253 -2.07 16.35 -23.66
CA LEU A 253 -3.50 16.55 -23.45
C LEU A 253 -4.04 15.61 -22.38
N LEU A 254 -3.65 14.34 -22.42
CA LEU A 254 -4.16 13.39 -21.44
C LEU A 254 -3.75 13.78 -20.03
N ALA A 255 -2.49 14.17 -19.84
CA ALA A 255 -2.06 14.63 -18.53
C ALA A 255 -2.77 15.91 -18.13
N SER A 256 -3.16 16.74 -19.09
CA SER A 256 -3.84 17.99 -18.79
C SER A 256 -5.34 17.83 -18.58
N ILE A 257 -5.91 16.68 -18.89
CA ILE A 257 -7.35 16.47 -18.67
C ILE A 257 -7.62 15.14 -17.98
N ALA A 258 -6.57 14.41 -17.61
CA ALA A 258 -6.74 13.12 -16.96
C ALA A 258 -5.38 12.66 -16.46
N TRP A 259 -5.34 11.45 -15.93
CA TRP A 259 -4.09 10.84 -15.48
C TRP A 259 -4.05 9.39 -15.93
N GLY A 260 -3.09 8.63 -15.41
CA GLY A 260 -2.79 7.33 -15.99
C GLY A 260 -3.95 6.34 -15.89
N LEU A 261 -4.63 6.32 -14.76
CA LEU A 261 -5.61 5.28 -14.46
C LEU A 261 -7.03 5.65 -14.87
N CYS A 262 -7.23 6.81 -15.49
CA CYS A 262 -8.57 7.19 -15.92
C CYS A 262 -9.02 6.31 -17.09
N ASP A 263 -10.29 6.45 -17.45
CA ASP A 263 -10.83 5.66 -18.54
C ASP A 263 -10.18 6.04 -19.86
N GLY A 264 -10.07 5.07 -20.76
CA GLY A 264 -9.39 5.30 -22.02
C GLY A 264 -10.17 6.15 -23.01
N VAL A 265 -11.48 6.29 -22.79
CA VAL A 265 -12.31 7.02 -23.75
C VAL A 265 -11.84 8.45 -23.92
N LEU A 266 -11.12 9.00 -22.93
CA LEU A 266 -10.63 10.37 -23.05
C LEU A 266 -9.69 10.54 -24.23
N ALA A 267 -9.12 9.44 -24.75
CA ALA A 267 -8.28 9.55 -25.93
C ALA A 267 -9.05 10.07 -27.13
N GLU A 268 -10.39 10.04 -27.07
CA GLU A 268 -11.21 10.60 -28.14
C GLU A 268 -11.10 12.12 -28.22
N CYS A 269 -10.49 12.78 -27.24
CA CYS A 269 -10.35 14.22 -27.25
C CYS A 269 -9.14 14.69 -28.04
N TRP A 270 -8.34 13.79 -28.58
CA TRP A 270 -7.13 14.14 -29.32
C TRP A 270 -7.17 13.49 -30.71
N SER A 271 -6.87 14.28 -31.73
CA SER A 271 -6.81 13.80 -33.09
C SER A 271 -5.44 14.08 -33.68
N PRO A 272 -4.78 13.10 -34.30
CA PRO A 272 -3.39 13.32 -34.74
C PRO A 272 -3.28 14.27 -35.91
N SER A 273 -2.05 14.47 -36.39
CA SER A 273 -1.81 15.34 -37.54
C SER A 273 -1.02 14.57 -38.60
N GLN A 274 -0.55 15.27 -39.63
CA GLN A 274 0.21 14.63 -40.70
C GLN A 274 1.40 13.88 -40.11
N GLY A 275 1.39 12.56 -40.26
CA GLY A 275 2.46 11.74 -39.69
C GLY A 275 2.55 11.85 -38.19
N ASP A 276 1.44 12.18 -37.52
CA ASP A 276 1.41 12.38 -36.07
C ASP A 276 2.69 13.04 -35.56
N GLY A 277 3.76 12.27 -35.45
CA GLY A 277 5.03 12.81 -34.97
C GLY A 277 4.95 13.38 -33.58
N SER A 278 4.17 12.75 -32.70
CA SER A 278 4.02 13.20 -31.32
C SER A 278 3.44 14.62 -31.26
N ILE A 279 2.58 14.94 -32.23
CA ILE A 279 1.87 16.23 -32.24
C ILE A 279 0.49 16.00 -32.84
N GLY A 280 -0.49 16.69 -32.31
CA GLY A 280 -1.85 16.59 -32.80
C GLY A 280 -2.65 17.81 -32.41
N VAL A 281 -3.97 17.64 -32.30
CA VAL A 281 -4.87 18.74 -31.96
C VAL A 281 -5.94 18.22 -31.01
N VAL A 282 -6.53 19.15 -30.27
CA VAL A 282 -7.61 18.86 -29.33
C VAL A 282 -8.93 19.10 -30.04
N VAL A 283 -9.84 18.14 -29.94
CA VAL A 283 -11.15 18.22 -30.58
C VAL A 283 -12.29 18.41 -29.59
N GLY A 284 -12.06 18.17 -28.31
CA GLY A 284 -13.10 18.37 -27.32
C GLY A 284 -12.53 18.22 -25.92
N LEU A 285 -13.23 18.81 -24.97
CA LEU A 285 -12.83 18.78 -23.56
C LEU A 285 -13.96 18.19 -22.72
N PRO A 286 -13.72 17.12 -21.96
CA PRO A 286 -14.82 16.48 -21.24
C PRO A 286 -15.42 17.41 -20.19
N LEU A 287 -16.70 17.19 -19.92
CA LEU A 287 -17.43 17.97 -18.91
C LEU A 287 -17.31 17.31 -17.54
N GLN A 288 -17.73 18.04 -16.52
CA GLN A 288 -17.74 17.54 -15.15
C GLN A 288 -16.36 17.04 -14.75
N ALA A 289 -15.34 17.84 -15.07
CA ALA A 289 -13.96 17.50 -14.77
C ALA A 289 -13.79 17.10 -13.31
N THR A 316 -22.37 -5.74 -18.33
CA THR A 316 -22.95 -5.25 -19.57
C THR A 316 -23.15 -3.73 -19.51
N ASN A 317 -24.16 -3.29 -18.77
CA ASN A 317 -24.43 -1.86 -18.66
C ASN A 317 -23.26 -1.12 -18.04
N LEU A 318 -22.44 -1.82 -17.25
CA LEU A 318 -21.27 -1.17 -16.66
C LEU A 318 -20.32 -0.68 -17.76
N LEU A 319 -20.16 -1.47 -18.83
CA LEU A 319 -19.37 -1.04 -19.97
C LEU A 319 -20.15 -0.16 -20.93
N GLU A 320 -21.44 0.07 -20.68
CA GLU A 320 -22.24 0.94 -21.52
C GLU A 320 -22.20 2.40 -21.10
N GLU A 321 -21.56 2.71 -19.96
CA GLU A 321 -21.51 4.09 -19.50
C GLU A 321 -20.84 4.97 -20.55
N CYS A 322 -21.35 6.19 -20.68
CA CYS A 322 -20.87 7.12 -21.69
C CYS A 322 -20.41 8.42 -21.03
N ILE A 323 -19.42 9.05 -21.64
CA ILE A 323 -18.87 10.32 -21.17
C ILE A 323 -19.31 11.42 -22.11
N ALA A 324 -19.48 12.62 -21.56
CA ALA A 324 -19.92 13.78 -22.32
C ALA A 324 -18.70 14.58 -22.77
N ILE A 325 -18.63 14.86 -24.07
CA ILE A 325 -17.55 15.62 -24.67
C ILE A 325 -18.14 16.83 -25.36
N GLN A 326 -17.58 18.00 -25.07
CA GLN A 326 -18.00 19.26 -25.70
C GLN A 326 -17.14 19.50 -26.93
N LYS A 327 -17.79 19.67 -28.08
CA LYS A 327 -17.11 19.94 -29.34
C LYS A 327 -17.47 21.35 -29.80
N GLN A 328 -16.96 21.71 -30.98
CA GLN A 328 -17.30 23.01 -31.57
C GLN A 328 -18.79 23.13 -31.84
N ASP A 329 -19.46 22.00 -32.09
CA ASP A 329 -20.88 22.01 -32.42
C ASP A 329 -21.75 21.85 -31.17
N GLY A 330 -21.57 20.78 -30.42
CA GLY A 330 -22.38 20.57 -29.24
C GLY A 330 -21.93 19.35 -28.46
N VAL A 331 -22.62 19.11 -27.35
CA VAL A 331 -22.30 17.99 -26.48
C VAL A 331 -22.61 16.68 -27.17
N ILE A 332 -21.69 15.72 -27.05
CA ILE A 332 -21.88 14.38 -27.58
C ILE A 332 -21.54 13.38 -26.49
N LYS A 333 -22.05 12.16 -26.65
CA LYS A 333 -21.82 11.08 -25.70
C LYS A 333 -20.99 10.00 -26.37
N CYS A 334 -19.87 9.64 -25.75
CA CYS A 334 -18.95 8.64 -26.27
C CYS A 334 -18.88 7.47 -25.31
N LYS A 335 -19.00 6.25 -25.84
CA LYS A 335 -19.03 5.06 -25.01
C LYS A 335 -17.66 4.81 -24.38
N ARG A 336 -17.67 4.41 -23.12
CA ARG A 336 -16.42 4.15 -22.41
C ARG A 336 -15.73 2.92 -22.99
N SER A 337 -14.41 2.89 -22.87
CA SER A 337 -13.60 1.80 -23.39
C SER A 337 -13.48 0.63 -22.41
N GLY A 338 -13.42 0.93 -21.11
CA GLY A 338 -13.24 -0.09 -20.10
C GLY A 338 -11.80 -0.41 -19.75
N LYS A 339 -10.84 0.19 -20.44
CA LYS A 339 -9.42 -0.02 -20.17
C LYS A 339 -8.78 1.29 -19.78
N SER A 340 -7.90 1.24 -18.79
CA SER A 340 -7.26 2.45 -18.30
C SER A 340 -6.41 3.09 -19.39
N LEU A 341 -6.24 4.41 -19.29
CA LEU A 341 -5.42 5.12 -20.26
C LEU A 341 -4.01 4.58 -20.31
N TYR A 342 -3.46 4.21 -19.16
CA TYR A 342 -2.11 3.64 -19.11
C TYR A 342 -2.01 2.41 -20.00
N HIS A 343 -2.91 1.45 -19.81
CA HIS A 343 -2.87 0.23 -20.60
C HIS A 343 -3.17 0.50 -22.06
N CYS A 344 -4.10 1.41 -22.35
CA CYS A 344 -4.42 1.71 -23.73
C CYS A 344 -3.22 2.26 -24.47
N LEU A 345 -2.53 3.23 -23.85
CA LEU A 345 -1.34 3.79 -24.47
C LEU A 345 -0.22 2.75 -24.60
N LYS A 346 -0.04 1.91 -23.57
CA LYS A 346 0.99 0.89 -23.64
C LYS A 346 0.74 -0.07 -24.78
N GLU A 347 -0.51 -0.51 -24.95
CA GLU A 347 -0.83 -1.45 -26.02
C GLU A 347 -0.72 -0.78 -27.39
N THR A 348 -1.19 0.46 -27.52
CA THR A 348 -1.09 1.15 -28.80
C THR A 348 0.38 1.40 -29.17
N ALA A 349 1.25 1.57 -28.18
CA ALA A 349 2.66 1.77 -28.48
C ALA A 349 3.26 0.57 -29.19
N GLY A 350 2.92 -0.64 -28.74
CA GLY A 350 3.43 -1.86 -29.36
C GLY A 350 2.77 -3.11 -28.81
N GLU B 34 22.50 -17.54 19.45
CA GLU B 34 22.47 -18.48 18.33
C GLU B 34 21.24 -18.23 17.45
N LEU B 35 20.14 -17.87 18.08
CA LEU B 35 18.87 -17.62 17.40
C LEU B 35 18.29 -16.30 17.87
N PRO B 36 17.42 -15.68 17.07
CA PRO B 36 16.79 -14.43 17.50
C PRO B 36 16.02 -14.62 18.80
N ARG B 37 15.55 -13.51 19.36
CA ARG B 37 14.81 -13.57 20.61
C ARG B 37 13.52 -14.35 20.46
N ASN B 38 12.81 -14.16 19.35
CA ASN B 38 11.50 -14.77 19.19
C ASN B 38 11.58 -16.29 19.26
N LEU B 39 12.45 -16.88 18.44
CA LEU B 39 12.54 -18.33 18.41
C LEU B 39 13.07 -18.89 19.72
N GLU B 40 14.01 -18.17 20.34
CA GLU B 40 14.55 -18.62 21.62
C GLU B 40 13.45 -18.65 22.68
N VAL B 41 12.63 -17.61 22.75
CA VAL B 41 11.58 -17.58 23.76
C VAL B 41 10.53 -18.64 23.46
N PHE B 42 10.18 -18.85 22.19
CA PHE B 42 9.22 -19.90 21.88
C PHE B 42 9.76 -21.26 22.29
N ASN B 43 11.02 -21.54 21.97
CA ASN B 43 11.60 -22.82 22.34
C ASN B 43 11.62 -23.00 23.85
N GLU B 44 12.01 -21.97 24.58
CA GLU B 44 12.04 -22.07 26.03
C GLU B 44 10.66 -22.36 26.59
N ALA B 45 9.65 -21.62 26.11
CA ALA B 45 8.30 -21.80 26.63
C ALA B 45 7.77 -23.19 26.32
N CYS B 46 7.94 -23.64 25.08
CA CYS B 46 7.43 -24.95 24.70
C CYS B 46 8.14 -26.06 25.48
N GLY B 47 9.46 -25.96 25.62
CA GLY B 47 10.18 -26.96 26.39
C GLY B 47 9.77 -27.00 27.84
N HIS B 48 9.61 -25.82 28.45
CA HIS B 48 9.21 -25.77 29.86
C HIS B 48 7.81 -26.33 30.06
N VAL B 49 6.88 -25.99 29.16
CA VAL B 49 5.49 -26.36 29.39
C VAL B 49 5.22 -27.82 29.02
N PHE B 50 5.86 -28.33 27.96
CA PHE B 50 5.59 -29.66 27.46
C PHE B 50 6.73 -30.64 27.70
N GLY B 51 7.78 -30.21 28.40
CA GLY B 51 8.85 -31.14 28.74
C GLY B 51 9.49 -31.74 27.52
N SER B 52 9.73 -33.05 27.57
CA SER B 52 10.42 -33.77 26.52
C SER B 52 9.47 -34.40 25.50
N SER B 53 8.16 -34.18 25.64
CA SER B 53 7.19 -34.72 24.71
C SER B 53 6.96 -33.81 23.51
N PHE B 54 7.65 -32.69 23.43
CA PHE B 54 7.48 -31.73 22.34
C PHE B 54 8.37 -32.13 21.18
N ASN B 55 7.77 -32.63 20.10
CA ASN B 55 8.51 -33.06 18.93
C ASN B 55 8.84 -31.85 18.06
N ARG B 56 10.13 -31.65 17.79
CA ARG B 56 10.60 -30.46 17.09
C ARG B 56 10.65 -30.63 15.58
N GLU B 57 10.21 -31.77 15.04
CA GLU B 57 10.28 -32.02 13.60
C GLU B 57 8.92 -32.39 13.02
N ASP B 58 7.83 -32.15 13.76
CA ASP B 58 6.49 -32.46 13.30
C ASP B 58 5.67 -31.18 13.27
N ASN B 59 5.04 -30.91 12.13
CA ASN B 59 4.26 -29.68 11.99
C ASN B 59 3.04 -29.70 12.90
N SER B 60 2.35 -30.84 12.98
CA SER B 60 1.12 -30.90 13.77
C SER B 60 1.39 -30.69 15.25
N VAL B 61 2.43 -31.33 15.78
CA VAL B 61 2.75 -31.18 17.20
C VAL B 61 3.15 -29.74 17.51
N ILE B 62 3.97 -29.14 16.64
CA ILE B 62 4.38 -27.75 16.85
C ILE B 62 3.17 -26.83 16.80
N SER B 63 2.26 -27.08 15.87
CA SER B 63 1.05 -26.25 15.79
C SER B 63 0.19 -26.40 17.04
N ASP B 64 0.03 -27.62 17.55
CA ASP B 64 -0.73 -27.82 18.78
C ASP B 64 -0.10 -27.09 19.94
N ALA B 65 1.23 -27.20 20.07
CA ALA B 65 1.92 -26.50 21.15
C ALA B 65 1.77 -25.00 21.02
N ALA B 66 1.91 -24.47 19.81
CA ALA B 66 1.76 -23.04 19.61
C ALA B 66 0.36 -22.57 19.95
N ALA B 67 -0.66 -23.33 19.55
CA ALA B 67 -2.03 -22.95 19.86
C ALA B 67 -2.27 -22.96 21.37
N PHE B 68 -1.76 -23.99 22.06
CA PHE B 68 -1.94 -24.03 23.50
C PHE B 68 -1.22 -22.88 24.19
N LEU B 69 0.00 -22.55 23.75
CA LEU B 69 0.70 -21.43 24.35
C LEU B 69 -0.03 -20.12 24.09
N PHE B 70 -0.60 -19.97 22.90
CA PHE B 70 -1.37 -18.77 22.61
C PHE B 70 -2.60 -18.69 23.51
N LYS B 71 -3.25 -19.81 23.76
CA LYS B 71 -4.38 -19.80 24.69
C LYS B 71 -3.93 -19.45 26.10
N MET B 72 -2.79 -19.99 26.53
CA MET B 72 -2.32 -19.70 27.89
C MET B 72 -1.95 -18.24 28.05
N HIS B 73 -1.30 -17.65 27.05
CA HIS B 73 -0.80 -16.28 27.18
C HIS B 73 -1.85 -15.22 26.97
N THR B 74 -3.03 -15.58 26.46
CA THR B 74 -4.13 -14.64 26.30
C THR B 74 -5.07 -14.65 27.50
N HIS B 75 -4.73 -15.38 28.55
CA HIS B 75 -5.62 -15.55 29.71
C HIS B 75 -6.94 -16.17 29.28
N SER B 76 -6.84 -17.37 28.71
CA SER B 76 -8.00 -18.10 28.23
C SER B 76 -8.11 -19.51 28.77
N LEU B 77 -7.07 -20.05 29.40
CA LEU B 77 -7.16 -21.37 29.99
C LEU B 77 -8.01 -21.32 31.25
N ASP B 78 -8.72 -22.42 31.51
CA ASP B 78 -9.55 -22.50 32.70
C ASP B 78 -8.70 -22.28 33.94
N GLY B 79 -9.26 -21.52 34.90
CA GLY B 79 -8.54 -21.20 36.11
C GLY B 79 -7.70 -19.95 36.04
N GLN B 80 -7.95 -19.07 35.08
CA GLN B 80 -7.21 -17.83 34.92
C GLN B 80 -8.13 -16.64 35.18
N GLU B 81 -7.54 -15.46 35.21
CA GLU B 81 -8.29 -14.25 35.53
C GLU B 81 -9.43 -14.05 34.54
N ALA B 82 -10.56 -13.58 35.04
CA ALA B 82 -11.74 -13.34 34.22
C ALA B 82 -11.65 -12.00 33.51
N LYS B 83 -12.34 -11.91 32.37
CA LYS B 83 -12.41 -10.68 31.59
C LYS B 83 -13.79 -10.07 31.81
N VAL B 84 -13.86 -9.04 32.65
CA VAL B 84 -15.12 -8.43 33.03
C VAL B 84 -15.12 -6.91 32.88
N LEU B 85 -14.08 -6.32 32.30
CA LEU B 85 -13.97 -4.86 32.28
C LEU B 85 -15.19 -4.22 31.64
N ARG B 86 -15.60 -4.72 30.48
CA ARG B 86 -16.77 -4.19 29.77
C ARG B 86 -17.60 -5.34 29.22
N ALA B 87 -17.82 -6.35 30.05
CA ALA B 87 -18.47 -7.58 29.62
C ALA B 87 -19.98 -7.48 29.76
N SER B 88 -20.69 -7.96 28.75
CA SER B 88 -22.12 -8.13 28.86
C SER B 88 -22.45 -9.27 29.82
N GLU B 89 -23.68 -9.26 30.34
CA GLU B 89 -24.04 -10.20 31.39
C GLU B 89 -23.71 -11.64 30.98
N LYS B 90 -23.99 -12.01 29.74
CA LYS B 90 -23.63 -13.34 29.27
C LYS B 90 -22.13 -13.56 29.33
N LYS B 91 -21.36 -12.55 28.89
CA LYS B 91 -19.91 -12.65 28.99
C LYS B 91 -19.46 -12.72 30.44
N ARG B 92 -20.11 -11.97 31.32
CA ARG B 92 -19.77 -12.06 32.74
C ARG B 92 -19.96 -13.48 33.26
N GLU B 93 -21.10 -14.10 32.92
CA GLU B 93 -21.36 -15.46 33.39
C GLU B 93 -20.33 -16.43 32.81
N ARG B 94 -20.03 -16.30 31.51
CA ARG B 94 -19.07 -17.21 30.90
C ARG B 94 -17.69 -17.09 31.55
N GLU B 95 -17.24 -15.86 31.80
CA GLU B 95 -15.93 -15.66 32.39
C GLU B 95 -15.91 -16.14 33.84
N ASN B 96 -17.00 -15.95 34.58
CA ASN B 96 -17.04 -16.46 35.94
C ASN B 96 -16.96 -17.98 35.96
N ALA B 97 -17.67 -18.63 35.04
CA ALA B 97 -17.59 -20.09 34.93
C ALA B 97 -16.17 -20.52 34.59
N LYS B 98 -15.52 -19.79 33.68
CA LYS B 98 -14.14 -20.10 33.33
C LYS B 98 -13.23 -19.98 34.56
N LYS B 99 -13.39 -18.92 35.33
CA LYS B 99 -12.56 -18.73 36.51
C LYS B 99 -12.77 -19.83 37.53
N SER B 100 -14.03 -20.22 37.77
CA SER B 100 -14.31 -21.19 38.82
C SER B 100 -13.76 -22.57 38.49
N ARG B 101 -13.75 -22.95 37.22
CA ARG B 101 -13.37 -24.30 36.84
C ARG B 101 -11.90 -24.57 37.18
N LYS B 102 -11.59 -25.84 37.38
CA LYS B 102 -10.23 -26.24 37.71
C LYS B 102 -9.31 -26.05 36.50
N ALA B 103 -8.10 -25.58 36.77
CA ALA B 103 -7.13 -25.38 35.71
C ALA B 103 -6.59 -26.72 35.21
N PRO B 104 -6.00 -26.75 34.02
CA PRO B 104 -5.45 -28.01 33.50
C PRO B 104 -4.45 -28.61 34.49
N GLU B 105 -4.58 -29.91 34.71
CA GLU B 105 -3.75 -30.60 35.68
C GLU B 105 -2.49 -31.17 35.02
N ALA B 106 -1.49 -31.44 35.85
CA ALA B 106 -0.26 -32.02 35.34
C ALA B 106 -0.52 -33.35 34.65
N GLY B 107 0.14 -33.55 33.52
CA GLY B 107 -0.02 -34.77 32.76
C GLY B 107 -1.21 -34.80 31.84
N MET B 108 -1.97 -33.72 31.74
CA MET B 108 -3.11 -33.68 30.83
C MET B 108 -2.64 -33.85 29.39
N ARG B 109 -3.43 -34.57 28.60
CA ARG B 109 -3.11 -34.82 27.20
C ARG B 109 -3.62 -33.67 26.35
N VAL B 110 -2.75 -33.13 25.50
CA VAL B 110 -3.09 -32.05 24.58
C VAL B 110 -2.72 -32.48 23.18
N GLY B 111 -3.53 -32.11 22.20
CA GLY B 111 -3.26 -32.51 20.84
C GLY B 111 -3.28 -34.02 20.71
N ARG B 112 -2.25 -34.57 20.08
CA ARG B 112 -2.13 -36.01 19.85
C ARG B 112 -1.00 -36.65 20.63
N SER B 113 0.17 -36.00 20.69
CA SER B 113 1.33 -36.56 21.37
C SER B 113 2.02 -35.50 22.22
N LEU B 114 1.24 -34.67 22.91
CA LEU B 114 1.76 -33.66 23.81
C LEU B 114 1.12 -33.85 25.17
N ILE B 115 1.96 -33.89 26.21
CA ILE B 115 1.51 -34.10 27.58
C ILE B 115 2.11 -33.01 28.46
N LEU B 116 1.26 -32.28 29.16
CA LEU B 116 1.73 -31.22 30.05
C LEU B 116 2.55 -31.81 31.18
N THR B 117 3.59 -31.07 31.59
CA THR B 117 4.44 -31.48 32.70
C THR B 117 3.96 -30.83 34.00
N SER B 118 4.52 -31.30 35.10
CA SER B 118 4.10 -30.83 36.41
C SER B 118 4.44 -29.35 36.62
N ARG B 119 5.37 -28.80 35.84
CA ARG B 119 5.87 -27.45 36.05
C ARG B 119 5.33 -26.45 35.03
N TRP B 120 4.17 -26.73 34.43
CA TRP B 120 3.56 -25.74 33.56
C TRP B 120 2.89 -24.63 34.35
N THR B 121 2.37 -24.95 35.54
CA THR B 121 1.75 -23.92 36.36
C THR B 121 2.75 -22.84 36.76
N GLU B 122 3.98 -23.25 37.07
CA GLU B 122 5.00 -22.27 37.42
C GLU B 122 5.30 -21.34 36.25
N TYR B 123 5.40 -21.90 35.05
CA TYR B 123 5.64 -21.06 33.87
C TYR B 123 4.47 -20.10 33.64
N CYS B 124 3.24 -20.61 33.78
CA CYS B 124 2.09 -19.74 33.57
C CYS B 124 2.06 -18.61 34.59
N ALA B 125 2.40 -18.90 35.84
CA ALA B 125 2.37 -17.87 36.87
C ALA B 125 3.53 -16.89 36.73
N THR B 126 4.65 -17.33 36.15
CA THR B 126 5.84 -16.48 36.09
C THR B 126 5.89 -15.63 34.82
N CYS B 127 5.77 -16.26 33.65
CA CYS B 127 6.05 -15.60 32.38
C CYS B 127 4.81 -15.01 31.71
N VAL B 128 3.64 -15.13 32.31
CA VAL B 128 2.39 -14.61 31.73
C VAL B 128 2.08 -13.27 32.41
N PRO B 129 2.04 -12.17 31.66
CA PRO B 129 1.67 -10.89 32.29
C PRO B 129 0.27 -10.95 32.89
N ALA B 130 0.10 -10.26 34.02
CA ALA B 130 -1.20 -10.22 34.66
C ALA B 130 -2.23 -9.58 33.73
N LEU B 131 -3.48 -10.03 33.84
CA LEU B 131 -4.52 -9.57 32.95
C LEU B 131 -4.63 -8.05 33.00
N GLY B 132 -4.70 -7.42 31.83
CA GLY B 132 -4.76 -5.98 31.73
C GLY B 132 -3.41 -5.30 31.70
N SER B 133 -2.31 -6.06 31.82
CA SER B 133 -0.99 -5.45 31.79
C SER B 133 -0.78 -4.72 30.47
N LYS B 134 -0.26 -3.50 30.55
CA LYS B 134 0.05 -2.68 29.39
C LYS B 134 1.51 -2.26 29.45
N MET B 135 2.16 -2.22 28.28
CA MET B 135 3.58 -1.90 28.24
C MET B 135 3.86 -0.52 28.81
N LYS B 136 2.91 0.41 28.69
CA LYS B 136 3.11 1.75 29.22
C LYS B 136 3.28 1.71 30.74
N VAL B 137 2.42 0.95 31.43
CA VAL B 137 2.49 0.88 32.88
C VAL B 137 3.81 0.26 33.32
N ILE B 138 4.23 -0.81 32.66
CA ILE B 138 5.48 -1.47 33.02
C ILE B 138 6.65 -0.54 32.79
N LYS B 139 6.66 0.17 31.66
CA LYS B 139 7.74 1.13 31.40
C LYS B 139 7.77 2.22 32.45
N ALA B 140 6.59 2.71 32.86
CA ALA B 140 6.55 3.70 33.92
C ALA B 140 7.12 3.14 35.22
N SER B 141 6.80 1.88 35.54
CA SER B 141 7.36 1.25 36.73
C SER B 141 8.88 1.15 36.64
N GLY B 142 9.39 0.79 35.46
CA GLY B 142 10.82 0.76 35.24
C GLY B 142 11.51 -0.53 35.64
N ASP B 143 10.76 -1.60 35.91
CA ASP B 143 11.37 -2.87 36.28
C ASP B 143 11.88 -3.56 35.03
N ALA B 144 13.20 -3.80 34.98
CA ALA B 144 13.80 -4.42 33.80
C ALA B 144 13.26 -5.82 33.58
N ALA B 145 13.13 -6.61 34.66
CA ALA B 145 12.62 -7.97 34.51
C ALA B 145 11.21 -7.98 33.94
N MET B 146 10.35 -7.09 34.44
CA MET B 146 8.98 -7.04 33.94
C MET B 146 8.96 -6.64 32.46
N ILE B 147 9.80 -5.68 32.07
CA ILE B 147 9.84 -5.27 30.67
C ILE B 147 10.29 -6.44 29.80
N GLN B 148 11.32 -7.17 30.24
CA GLN B 148 11.78 -8.31 29.47
C GLN B 148 10.70 -9.37 29.35
N MET B 149 9.98 -9.64 30.44
CA MET B 149 8.92 -10.64 30.40
C MET B 149 7.81 -10.20 29.45
N MET B 150 7.44 -8.92 29.48
CA MET B 150 6.40 -8.43 28.57
C MET B 150 6.85 -8.53 27.12
N LYS B 151 8.11 -8.21 26.84
CA LYS B 151 8.62 -8.34 25.48
C LYS B 151 8.58 -9.80 25.03
N ASP B 152 8.99 -10.72 25.91
CA ASP B 152 8.93 -12.14 25.58
C ASP B 152 7.49 -12.57 25.32
N HIS B 153 6.55 -12.10 26.13
CA HIS B 153 5.15 -12.46 25.95
C HIS B 153 4.64 -11.96 24.61
N ASN B 154 4.98 -10.73 24.23
CA ASN B 154 4.55 -10.20 22.94
C ASN B 154 5.15 -10.99 21.79
N SER B 155 6.44 -11.33 21.90
CA SER B 155 7.08 -12.10 20.83
C SER B 155 6.43 -13.47 20.70
N LEU B 156 6.12 -14.12 21.83
CA LEU B 156 5.46 -15.41 21.77
C LEU B 156 4.08 -15.30 21.16
N LEU B 157 3.34 -14.23 21.49
CA LEU B 157 2.05 -14.01 20.86
C LEU B 157 2.19 -13.93 19.35
N ARG B 158 3.17 -13.16 18.88
CA ARG B 158 3.35 -13.01 17.44
C ARG B 158 3.71 -14.34 16.78
N VAL B 159 4.64 -15.09 17.38
CA VAL B 159 5.08 -16.34 16.79
C VAL B 159 3.94 -17.35 16.75
N CYS B 160 3.18 -17.45 17.85
CA CYS B 160 2.06 -18.39 17.87
C CYS B 160 0.97 -17.97 16.90
N VAL B 161 0.74 -16.67 16.72
CA VAL B 161 -0.24 -16.23 15.74
C VAL B 161 0.20 -16.64 14.33
N ARG B 162 1.49 -16.48 14.03
CA ARG B 162 1.97 -16.89 12.72
C ARG B 162 1.81 -18.40 12.52
N ILE B 163 2.16 -19.18 13.55
CA ILE B 163 2.04 -20.64 13.44
C ILE B 163 0.58 -21.03 13.23
N GLU B 164 -0.34 -20.39 13.95
CA GLU B 164 -1.75 -20.75 13.83
C GLU B 164 -2.31 -20.32 12.48
N VAL B 165 -1.85 -19.20 11.92
CA VAL B 165 -2.27 -18.81 10.58
C VAL B 165 -1.79 -19.84 9.57
N TRP B 166 -0.54 -20.28 9.70
CA TRP B 166 -0.04 -21.31 8.80
C TRP B 166 -0.84 -22.59 8.93
N LYS B 167 -1.19 -22.97 10.16
CA LYS B 167 -1.98 -24.19 10.35
C LYS B 167 -3.36 -24.05 9.75
N ALA B 168 -3.96 -22.86 9.84
CA ALA B 168 -5.24 -22.64 9.18
C ALA B 168 -5.10 -22.81 7.67
N ARG B 169 -4.02 -22.27 7.10
CA ARG B 169 -3.79 -22.47 5.67
C ARG B 169 -3.67 -23.95 5.34
N TYR B 170 -2.90 -24.68 6.15
CA TYR B 170 -2.71 -26.11 5.90
C TYR B 170 -4.03 -26.86 5.96
N VAL B 171 -4.87 -26.55 6.95
CA VAL B 171 -6.16 -27.22 7.05
C VAL B 171 -7.04 -26.86 5.86
N SER B 172 -6.92 -25.63 5.34
CA SER B 172 -7.75 -25.22 4.22
C SER B 172 -7.41 -25.98 2.93
N LEU B 173 -6.30 -26.71 2.90
CA LEU B 173 -5.92 -27.42 1.68
C LEU B 173 -6.67 -28.74 1.49
N VAL B 174 -7.32 -29.24 2.54
CA VAL B 174 -7.99 -30.54 2.45
C VAL B 174 -9.42 -30.45 3.00
N ALA B 175 -9.72 -29.39 3.73
CA ALA B 175 -11.03 -29.24 4.37
C ALA B 175 -11.54 -27.83 4.12
N LEU B 176 -12.52 -27.71 3.22
CA LEU B 176 -13.11 -26.41 2.94
C LEU B 176 -13.88 -25.90 4.16
N ASP B 177 -13.81 -24.59 4.36
CA ASP B 177 -14.55 -23.95 5.44
C ASP B 177 -15.93 -23.55 4.95
N GLU B 178 -16.96 -23.90 5.72
CA GLU B 178 -18.33 -23.59 5.32
C GLU B 178 -18.61 -22.09 5.31
N ARG B 179 -17.87 -21.30 6.08
CA ARG B 179 -18.13 -19.86 6.14
C ARG B 179 -17.92 -19.21 4.79
N ILE B 180 -16.89 -19.61 4.07
CA ILE B 180 -16.53 -18.96 2.81
C ILE B 180 -17.42 -19.52 1.71
N GLN B 181 -18.35 -18.70 1.23
CA GLN B 181 -19.28 -19.09 0.18
C GLN B 181 -19.23 -18.18 -1.04
N THR B 182 -18.61 -17.01 -0.95
CA THR B 182 -18.50 -16.10 -2.08
C THR B 182 -17.16 -15.40 -1.99
N LEU B 183 -16.71 -14.85 -3.13
CA LEU B 183 -15.42 -14.18 -3.17
C LEU B 183 -15.32 -13.09 -2.12
N GLU B 184 -16.43 -12.42 -1.82
CA GLU B 184 -16.41 -11.39 -0.79
C GLU B 184 -16.02 -11.97 0.57
N ASP B 185 -16.61 -13.12 0.93
CA ASP B 185 -16.23 -13.77 2.17
C ASP B 185 -14.80 -14.30 2.10
N ALA B 186 -14.43 -14.93 0.99
CA ALA B 186 -13.09 -15.47 0.84
C ALA B 186 -12.02 -14.39 0.95
N GLN B 187 -12.38 -13.14 0.67
CA GLN B 187 -11.40 -12.07 0.71
C GLN B 187 -10.80 -11.87 2.10
N TRP B 188 -11.48 -12.34 3.16
CA TRP B 188 -11.07 -12.07 4.53
C TRP B 188 -10.45 -13.28 5.23
N PHE B 189 -10.18 -14.36 4.50
CA PHE B 189 -9.48 -15.48 5.10
C PHE B 189 -8.06 -15.05 5.48
N PRO B 190 -7.50 -15.55 6.59
CA PRO B 190 -8.06 -16.48 7.58
C PRO B 190 -8.97 -15.82 8.61
N TYR B 191 -9.93 -16.59 9.12
CA TYR B 191 -10.80 -16.12 10.19
C TYR B 191 -10.22 -16.56 11.52
N LEU B 192 -9.86 -15.59 12.36
CA LEU B 192 -9.25 -15.88 13.65
C LEU B 192 -9.77 -14.89 14.68
N SER B 193 -9.50 -15.19 15.95
CA SER B 193 -10.05 -14.43 17.07
C SER B 193 -9.53 -13.00 17.06
N GLY B 194 -10.05 -12.18 17.98
CA GLY B 194 -9.66 -10.78 18.02
C GLY B 194 -8.20 -10.60 18.40
N ASP B 195 -7.73 -11.33 19.40
CA ASP B 195 -6.33 -11.22 19.79
C ASP B 195 -5.41 -11.69 18.68
N SER B 196 -5.85 -12.67 17.88
CA SER B 196 -5.04 -13.10 16.75
C SER B 196 -4.87 -11.97 15.74
N TYR B 197 -5.94 -11.21 15.48
CA TYR B 197 -5.81 -10.06 14.60
C TYR B 197 -4.93 -8.98 15.22
N ARG B 198 -5.08 -8.74 16.52
CA ARG B 198 -4.30 -7.70 17.17
C ARG B 198 -2.81 -8.01 17.11
N ALA B 199 -2.44 -9.27 17.33
CA ALA B 199 -1.02 -9.63 17.37
C ALA B 199 -0.36 -9.45 16.00
N CYS B 200 -0.99 -9.95 14.94
CA CYS B 200 -0.43 -9.89 13.59
C CYS B 200 -1.50 -9.36 12.63
N PRO B 201 -1.77 -8.07 12.67
CA PRO B 201 -2.81 -7.51 11.79
C PRO B 201 -2.52 -7.69 10.31
N GLY B 202 -1.24 -7.81 9.93
CA GLY B 202 -0.89 -7.94 8.53
C GLY B 202 -1.10 -9.31 7.92
N LEU B 203 -1.44 -10.30 8.74
CA LEU B 203 -1.68 -11.66 8.27
C LEU B 203 -3.06 -12.19 8.62
N VAL B 204 -3.63 -11.79 9.74
CA VAL B 204 -4.87 -12.36 10.24
C VAL B 204 -6.03 -11.53 9.73
N GLY B 205 -7.05 -12.20 9.21
CA GLY B 205 -8.28 -11.59 8.79
C GLY B 205 -9.39 -11.82 9.80
N GLY B 206 -10.62 -11.93 9.29
CA GLY B 206 -11.75 -12.24 10.12
C GLY B 206 -12.62 -11.03 10.40
N TYR B 207 -13.36 -11.13 11.51
CA TYR B 207 -14.28 -10.06 11.87
C TYR B 207 -13.55 -8.76 12.14
N PHE B 208 -12.42 -8.83 12.87
CA PHE B 208 -11.74 -7.61 13.27
C PHE B 208 -11.04 -6.94 12.09
N ALA B 209 -10.47 -7.73 11.18
CA ALA B 209 -9.90 -7.14 9.98
C ALA B 209 -10.97 -6.45 9.15
N LYS B 210 -12.15 -7.08 9.05
CA LYS B 210 -13.25 -6.46 8.32
C LYS B 210 -13.65 -5.14 8.97
N LYS B 211 -13.76 -5.13 10.30
CA LYS B 211 -14.14 -3.91 11.00
C LYS B 211 -13.10 -2.82 10.80
N ALA B 212 -11.81 -3.17 10.89
CA ALA B 212 -10.77 -2.18 10.70
C ALA B 212 -10.79 -1.61 9.29
N ALA B 213 -10.95 -2.48 8.28
CA ALA B 213 -10.98 -2.01 6.91
C ALA B 213 -12.19 -1.10 6.67
N ALA B 214 -13.36 -1.49 7.18
CA ALA B 214 -14.55 -0.67 6.99
C ALA B 214 -14.48 0.60 7.82
N GLY B 215 -13.75 0.58 8.94
CA GLY B 215 -13.64 1.73 9.80
C GLY B 215 -12.52 2.66 9.38
N GLU B 216 -12.30 3.69 10.20
CA GLU B 216 -11.24 4.65 9.92
C GLU B 216 -9.89 3.95 9.89
N ARG B 217 -9.08 4.31 8.90
CA ARG B 217 -7.76 3.71 8.70
C ARG B 217 -6.72 4.67 9.28
N GLY B 218 -6.20 4.35 10.45
CA GLY B 218 -5.25 5.20 11.13
C GLY B 218 -3.83 4.98 10.63
N LYS B 219 -2.88 5.57 11.36
CA LYS B 219 -1.48 5.45 11.00
C LYS B 219 -0.93 4.06 11.20
N ASN B 220 -1.63 3.19 11.91
CA ASN B 220 -1.18 1.82 12.17
C ASN B 220 -1.95 0.79 11.37
N TYR B 221 -2.77 1.21 10.42
CA TYR B 221 -3.55 0.28 9.62
C TYR B 221 -2.62 -0.55 8.74
N LYS B 222 -2.85 -1.87 8.72
CA LYS B 222 -2.08 -2.79 7.90
C LYS B 222 -3.02 -3.55 6.99
N LYS B 223 -2.71 -3.58 5.70
CA LYS B 223 -3.53 -4.31 4.75
C LYS B 223 -3.30 -5.81 4.91
N LEU B 224 -4.37 -6.59 4.75
CA LEU B 224 -4.28 -8.04 4.91
C LEU B 224 -3.46 -8.64 3.79
N ASN B 225 -2.23 -9.04 4.10
CA ASN B 225 -1.36 -9.73 3.14
C ASN B 225 -1.71 -11.21 3.18
N GLN B 226 -2.71 -11.59 2.39
CA GLN B 226 -3.28 -12.92 2.51
C GLN B 226 -2.26 -14.01 2.18
N THR B 227 -1.45 -13.81 1.15
CA THR B 227 -0.56 -14.83 0.63
C THR B 227 0.90 -14.57 0.99
N ALA B 228 1.14 -13.98 2.16
CA ALA B 228 2.52 -13.79 2.61
C ALA B 228 3.18 -15.13 2.84
N ILE B 229 4.51 -15.16 2.70
CA ILE B 229 5.26 -16.40 2.89
C ILE B 229 5.42 -16.64 4.38
N ILE B 230 5.01 -17.82 4.83
CA ILE B 230 5.17 -18.24 6.21
C ILE B 230 5.92 -19.57 6.23
N PRO B 231 7.16 -19.62 6.70
CA PRO B 231 7.88 -20.88 6.69
C PRO B 231 7.16 -21.91 7.56
N PRO B 232 7.29 -23.19 7.23
CA PRO B 232 6.58 -24.22 8.00
C PRO B 232 6.86 -24.10 9.49
N PRO B 233 6.01 -24.68 10.34
CA PRO B 233 6.26 -24.59 11.78
C PRO B 233 7.60 -25.17 12.20
N ARG B 234 8.07 -26.23 11.55
CA ARG B 234 9.35 -26.80 11.92
C ARG B 234 10.52 -25.94 11.48
N PHE B 235 10.32 -25.07 10.50
CA PHE B 235 11.31 -24.07 10.13
C PHE B 235 11.06 -22.73 10.81
N LEU B 236 9.81 -22.43 11.15
CA LEU B 236 9.50 -21.16 11.79
C LEU B 236 10.17 -21.05 13.16
N ILE B 237 10.19 -22.16 13.91
CA ILE B 237 10.81 -22.15 15.24
C ILE B 237 12.31 -22.36 15.19
N ILE B 238 12.89 -22.55 14.00
CA ILE B 238 14.34 -22.72 13.85
C ILE B 238 14.98 -21.54 13.14
N GLY B 239 14.21 -20.68 12.47
CA GLY B 239 14.74 -19.53 11.79
C GLY B 239 15.17 -19.75 10.36
N HIS B 240 15.17 -21.00 9.90
CA HIS B 240 15.55 -21.30 8.52
C HIS B 240 14.44 -20.81 7.60
N ARG B 241 14.65 -19.63 7.01
CA ARG B 241 13.66 -19.07 6.10
C ARG B 241 13.42 -20.02 4.93
N LEU B 242 12.17 -20.14 4.52
CA LEU B 242 11.84 -20.97 3.37
C LEU B 242 12.55 -20.44 2.13
N GLN B 243 13.32 -21.30 1.47
CA GLN B 243 14.08 -20.90 0.30
C GLN B 243 14.34 -22.14 -0.55
N ILE B 244 14.88 -21.90 -1.75
CA ILE B 244 15.13 -22.99 -2.68
C ILE B 244 16.12 -23.97 -2.06
N GLY B 245 15.96 -25.25 -2.39
CA GLY B 245 16.80 -26.31 -1.92
C GLY B 245 16.26 -27.06 -0.71
N ASP B 246 15.28 -26.49 0.00
CA ASP B 246 14.71 -27.16 1.14
C ASP B 246 13.88 -28.37 0.70
N GLN B 247 14.00 -29.47 1.44
CA GLN B 247 13.23 -30.67 1.18
C GLN B 247 11.97 -30.64 2.04
N VAL B 248 10.82 -30.47 1.40
CA VAL B 248 9.54 -30.36 2.10
C VAL B 248 8.48 -31.14 1.32
N THR B 249 7.29 -31.21 1.91
CA THR B 249 6.16 -31.86 1.27
C THR B 249 5.37 -30.85 0.44
N LEU B 250 4.51 -31.37 -0.43
CA LEU B 250 3.69 -30.49 -1.26
C LEU B 250 2.69 -29.71 -0.43
N ARG B 251 2.00 -30.39 0.50
CA ARG B 251 0.97 -29.71 1.28
C ARG B 251 1.57 -28.63 2.17
N GLU B 252 2.70 -28.92 2.80
CA GLU B 252 3.33 -27.92 3.67
C GLU B 252 3.81 -26.72 2.87
N LEU B 253 4.45 -26.96 1.72
CA LEU B 253 4.91 -25.84 0.90
C LEU B 253 3.73 -25.00 0.42
N LEU B 254 2.66 -25.65 -0.04
CA LEU B 254 1.50 -24.92 -0.53
C LEU B 254 0.85 -24.10 0.58
N ALA B 255 0.71 -24.67 1.77
CA ALA B 255 0.17 -23.91 2.89
C ALA B 255 1.09 -22.77 3.26
N SER B 256 2.40 -22.91 2.99
CA SER B 256 3.33 -21.83 3.27
C SER B 256 3.15 -20.67 2.30
N ILE B 257 3.02 -20.96 1.00
CA ILE B 257 3.01 -19.92 -0.02
C ILE B 257 1.61 -19.59 -0.52
N ALA B 258 0.58 -20.31 -0.08
CA ALA B 258 -0.78 -20.06 -0.52
C ALA B 258 -1.71 -20.82 0.42
N TRP B 259 -3.00 -20.88 0.08
CA TRP B 259 -3.98 -21.58 0.90
C TRP B 259 -4.90 -22.35 -0.04
N GLY B 260 -6.04 -22.80 0.50
CA GLY B 260 -6.86 -23.76 -0.23
C GLY B 260 -7.36 -23.26 -1.55
N LEU B 261 -7.90 -22.04 -1.58
CA LEU B 261 -8.62 -21.54 -2.75
C LEU B 261 -7.74 -20.74 -3.70
N CYS B 262 -6.46 -20.57 -3.41
CA CYS B 262 -5.60 -19.91 -4.37
C CYS B 262 -5.43 -20.78 -5.62
N ASP B 263 -5.05 -20.15 -6.72
CA ASP B 263 -4.93 -20.86 -7.99
C ASP B 263 -3.98 -22.05 -7.85
N GLY B 264 -4.11 -23.00 -8.77
CA GLY B 264 -3.35 -24.23 -8.68
C GLY B 264 -1.96 -24.17 -9.26
N VAL B 265 -1.66 -23.14 -10.06
CA VAL B 265 -0.36 -23.06 -10.70
C VAL B 265 0.77 -23.02 -9.67
N LEU B 266 0.48 -22.58 -8.44
CA LEU B 266 1.50 -22.55 -7.41
C LEU B 266 2.09 -23.92 -7.16
N ALA B 267 1.36 -24.99 -7.49
CA ALA B 267 1.90 -26.33 -7.31
C ALA B 267 3.16 -26.55 -8.13
N GLU B 268 3.42 -25.71 -9.13
CA GLU B 268 4.64 -25.83 -9.90
C GLU B 268 5.89 -25.55 -9.05
N CYS B 269 5.73 -25.01 -7.86
CA CYS B 269 6.85 -24.72 -6.97
C CYS B 269 7.40 -25.97 -6.30
N TRP B 270 7.00 -27.16 -6.71
CA TRP B 270 7.45 -28.40 -6.10
C TRP B 270 7.88 -29.39 -7.18
N SER B 271 8.78 -30.29 -6.81
CA SER B 271 9.28 -31.32 -7.73
C SER B 271 9.55 -32.60 -6.96
N PRO B 272 8.80 -33.68 -7.21
CA PRO B 272 8.99 -34.90 -6.43
C PRO B 272 10.41 -35.42 -6.53
N SER B 273 10.89 -36.00 -5.44
CA SER B 273 12.25 -36.54 -5.39
C SER B 273 12.27 -37.94 -5.99
N GLN B 274 13.47 -38.52 -6.06
CA GLN B 274 13.66 -39.85 -6.63
C GLN B 274 13.50 -40.96 -5.61
N GLY B 275 13.24 -40.63 -4.35
CA GLY B 275 13.09 -41.64 -3.32
C GLY B 275 11.64 -42.00 -3.07
N ASP B 276 11.19 -41.83 -1.82
CA ASP B 276 9.80 -42.12 -1.49
C ASP B 276 8.85 -41.22 -2.26
N GLY B 277 9.19 -39.95 -2.39
CA GLY B 277 8.36 -38.99 -3.09
C GLY B 277 7.43 -38.20 -2.21
N SER B 278 7.20 -38.62 -0.96
CA SER B 278 6.37 -37.84 -0.06
C SER B 278 6.98 -36.46 0.18
N ILE B 279 8.29 -36.40 0.37
CA ILE B 279 9.02 -35.16 0.59
C ILE B 279 9.87 -34.90 -0.64
N GLY B 280 9.64 -33.75 -1.28
CA GLY B 280 10.37 -33.41 -2.48
C GLY B 280 11.39 -32.31 -2.26
N VAL B 281 11.40 -31.32 -3.15
CA VAL B 281 12.34 -30.20 -3.08
C VAL B 281 11.64 -28.95 -3.58
N VAL B 282 11.99 -27.81 -2.99
CA VAL B 282 11.49 -26.52 -3.45
C VAL B 282 12.41 -26.06 -4.58
N VAL B 283 11.82 -25.81 -5.75
CA VAL B 283 12.57 -25.37 -6.92
C VAL B 283 12.48 -23.86 -7.11
N GLY B 284 11.29 -23.30 -6.95
CA GLY B 284 11.12 -21.86 -7.10
C GLY B 284 9.90 -21.40 -6.35
N LEU B 285 9.94 -20.15 -5.91
CA LEU B 285 8.84 -19.60 -5.13
C LEU B 285 8.10 -18.52 -5.93
N PRO B 286 6.80 -18.35 -5.72
CA PRO B 286 6.08 -17.32 -6.46
C PRO B 286 6.55 -15.93 -6.08
N LEU B 287 6.39 -15.00 -7.01
CA LEU B 287 6.71 -13.60 -6.79
C LEU B 287 5.42 -12.80 -6.66
N GLN B 288 5.31 -12.01 -5.60
CA GLN B 288 4.16 -11.15 -5.43
C GLN B 288 4.09 -10.14 -6.58
N ALA B 289 3.10 -10.30 -7.45
CA ALA B 289 3.05 -9.51 -8.67
C ALA B 289 2.88 -8.04 -8.37
N THR B 290 3.73 -7.21 -8.96
CA THR B 290 3.65 -5.76 -8.83
C THR B 290 3.96 -5.08 -10.16
N GLY B 291 3.64 -5.73 -11.27
CA GLY B 291 3.99 -5.21 -12.58
C GLY B 291 3.06 -4.12 -13.07
N SER B 292 1.76 -4.41 -13.13
CA SER B 292 0.79 -3.47 -13.67
C SER B 292 -0.48 -3.51 -12.84
N CYS B 293 -1.24 -2.42 -12.92
CA CYS B 293 -2.53 -2.29 -12.23
C CYS B 293 -3.62 -2.14 -13.27
N PHE B 294 -4.69 -2.93 -13.13
CA PHE B 294 -5.76 -2.98 -14.11
C PHE B 294 -6.99 -2.20 -13.68
N LEU B 295 -6.85 -1.35 -12.66
CA LEU B 295 -7.98 -0.54 -12.21
C LEU B 295 -8.35 0.51 -13.24
N VAL B 296 -9.58 1.00 -13.15
CA VAL B 296 -10.04 2.12 -13.96
C VAL B 296 -10.87 3.04 -13.08
N VAL B 297 -10.28 4.14 -12.63
CA VAL B 297 -10.97 5.01 -11.68
C VAL B 297 -12.10 5.76 -12.39
N ALA B 298 -13.13 6.08 -11.62
CA ALA B 298 -14.31 6.74 -12.16
C ALA B 298 -14.04 8.22 -12.39
N SER B 299 -14.50 8.73 -13.53
CA SER B 299 -14.32 10.13 -13.87
C SER B 299 -15.39 10.53 -14.87
N HIS B 300 -15.78 11.81 -14.81
CA HIS B 300 -16.74 12.36 -15.75
C HIS B 300 -18.03 11.55 -15.78
N GLY B 301 -18.44 11.08 -14.60
CA GLY B 301 -19.67 10.32 -14.45
C GLY B 301 -19.53 8.83 -14.63
N LEU B 302 -18.34 8.33 -14.96
CA LEU B 302 -18.15 6.90 -15.16
C LEU B 302 -18.14 6.21 -13.80
N SER B 303 -17.87 4.91 -13.79
CA SER B 303 -17.84 4.11 -12.58
C SER B 303 -16.56 3.30 -12.52
N ALA B 304 -16.08 3.06 -11.30
CA ALA B 304 -14.81 2.37 -11.11
C ALA B 304 -14.93 0.91 -11.53
N ILE B 305 -13.77 0.32 -11.85
CA ILE B 305 -13.66 -1.08 -12.22
C ILE B 305 -12.55 -1.69 -11.37
N ALA B 306 -12.91 -2.63 -10.51
CA ALA B 306 -11.92 -3.26 -9.64
C ALA B 306 -10.93 -4.10 -10.43
N ASP B 307 -11.30 -4.59 -11.61
CA ASP B 307 -10.41 -5.42 -12.42
C ASP B 307 -10.90 -5.37 -13.87
N SER B 308 -10.03 -4.92 -14.77
CA SER B 308 -10.43 -4.77 -16.17
C SER B 308 -10.75 -6.12 -16.80
N ARG B 309 -9.93 -7.14 -16.52
CA ARG B 309 -10.13 -8.44 -17.16
C ARG B 309 -11.45 -9.08 -16.75
N ILE B 310 -11.78 -9.01 -15.45
CA ILE B 310 -12.98 -9.70 -14.97
C ILE B 310 -14.23 -9.08 -15.58
N GLU B 311 -14.33 -7.75 -15.53
CA GLU B 311 -15.53 -7.07 -16.01
C GLU B 311 -15.61 -7.02 -17.53
N GLY B 312 -14.55 -7.40 -18.23
CA GLY B 312 -14.60 -7.46 -19.68
C GLY B 312 -15.37 -8.66 -20.23
N THR B 313 -15.76 -9.60 -19.37
CA THR B 313 -16.50 -10.78 -19.78
C THR B 313 -15.72 -11.60 -20.81
N GLY B 314 -14.39 -11.56 -20.72
CA GLY B 314 -13.55 -12.34 -21.61
C GLY B 314 -13.11 -13.64 -20.96
N ASN B 315 -12.65 -14.57 -21.79
CA ASN B 315 -12.19 -15.87 -21.31
C ASN B 315 -10.81 -16.19 -21.87
N THR B 316 -10.48 -15.66 -23.05
CA THR B 316 -9.20 -15.98 -23.67
C THR B 316 -8.05 -15.56 -22.77
N ASN B 317 -8.10 -14.34 -22.22
CA ASN B 317 -7.04 -13.89 -21.34
C ASN B 317 -7.03 -14.68 -20.02
N LEU B 318 -8.21 -14.97 -19.48
CA LEU B 318 -8.28 -15.65 -18.19
C LEU B 318 -7.59 -17.01 -18.23
N LEU B 319 -7.65 -17.69 -19.37
CA LEU B 319 -7.04 -19.01 -19.51
C LEU B 319 -5.57 -18.96 -19.88
N GLU B 320 -5.03 -17.79 -20.21
CA GLU B 320 -3.64 -17.64 -20.62
C GLU B 320 -2.91 -16.65 -19.73
N GLU B 321 -3.34 -16.51 -18.48
CA GLU B 321 -2.65 -15.66 -17.53
C GLU B 321 -1.27 -16.23 -17.24
N CYS B 322 -0.51 -15.53 -16.40
CA CYS B 322 0.82 -15.98 -16.02
C CYS B 322 1.10 -15.59 -14.59
N ILE B 323 1.95 -16.38 -13.93
CA ILE B 323 2.44 -16.09 -12.59
C ILE B 323 3.97 -16.13 -12.65
N ALA B 324 4.59 -15.14 -12.02
CA ALA B 324 6.05 -15.01 -12.04
C ALA B 324 6.63 -15.83 -10.90
N ILE B 325 7.22 -16.97 -11.25
CA ILE B 325 7.88 -17.84 -10.29
C ILE B 325 9.37 -17.56 -10.36
N GLN B 326 9.96 -17.13 -9.25
CA GLN B 326 11.41 -16.95 -9.17
C GLN B 326 12.05 -18.29 -8.83
N LYS B 327 12.83 -18.82 -9.75
CA LYS B 327 13.52 -20.09 -9.59
C LYS B 327 15.01 -19.85 -9.37
N GLN B 328 15.75 -20.94 -9.23
CA GLN B 328 17.20 -20.83 -9.11
C GLN B 328 17.81 -20.24 -10.38
N ASP B 329 17.33 -20.66 -11.54
CA ASP B 329 17.87 -20.16 -12.80
C ASP B 329 17.43 -18.72 -13.06
N GLY B 330 16.16 -18.43 -12.86
CA GLY B 330 15.63 -17.11 -13.11
C GLY B 330 14.13 -17.11 -13.13
N VAL B 331 13.57 -15.91 -13.31
CA VAL B 331 12.13 -15.75 -13.32
C VAL B 331 11.53 -16.52 -14.48
N ILE B 332 10.38 -17.14 -14.25
CA ILE B 332 9.66 -17.89 -15.27
C ILE B 332 8.18 -17.55 -15.17
N LYS B 333 7.52 -17.44 -16.32
CA LYS B 333 6.10 -17.15 -16.37
C LYS B 333 5.35 -18.46 -16.55
N CYS B 334 4.70 -18.93 -15.48
CA CYS B 334 3.94 -20.16 -15.49
C CYS B 334 2.47 -19.85 -15.69
N LYS B 335 1.87 -20.40 -16.74
CA LYS B 335 0.48 -20.12 -17.05
C LYS B 335 -0.44 -20.71 -15.98
N ARG B 336 -1.42 -19.91 -15.55
CA ARG B 336 -2.31 -20.35 -14.47
C ARG B 336 -3.13 -21.55 -14.92
N SER B 337 -3.41 -22.45 -13.97
CA SER B 337 -4.22 -23.63 -14.27
C SER B 337 -5.71 -23.36 -14.17
N GLY B 338 -6.10 -22.30 -13.47
CA GLY B 338 -7.50 -21.90 -13.43
C GLY B 338 -8.39 -22.73 -12.54
N LYS B 339 -7.83 -23.55 -11.67
CA LYS B 339 -8.61 -24.37 -10.74
C LYS B 339 -8.05 -24.22 -9.34
N SER B 340 -8.94 -24.25 -8.35
CA SER B 340 -8.53 -24.05 -6.97
C SER B 340 -7.41 -25.01 -6.60
N LEU B 341 -6.61 -24.59 -5.61
CA LEU B 341 -5.57 -25.48 -5.10
C LEU B 341 -6.17 -26.70 -4.41
N TYR B 342 -7.24 -26.49 -3.63
CA TYR B 342 -7.87 -27.60 -2.94
C TYR B 342 -8.35 -28.65 -3.93
N HIS B 343 -9.03 -28.21 -4.99
CA HIS B 343 -9.53 -29.16 -5.99
C HIS B 343 -8.38 -29.82 -6.75
N CYS B 344 -7.31 -29.06 -7.03
CA CYS B 344 -6.16 -29.65 -7.69
C CYS B 344 -5.55 -30.77 -6.85
N LEU B 345 -5.39 -30.52 -5.54
CA LEU B 345 -4.84 -31.55 -4.67
C LEU B 345 -5.77 -32.75 -4.57
N LYS B 346 -7.09 -32.50 -4.47
CA LYS B 346 -8.03 -33.62 -4.41
C LYS B 346 -7.97 -34.47 -5.67
N GLU B 347 -7.90 -33.82 -6.84
CA GLU B 347 -7.81 -34.56 -8.09
C GLU B 347 -6.52 -35.35 -8.17
N THR B 348 -5.40 -34.73 -7.78
CA THR B 348 -4.12 -35.43 -7.82
C THR B 348 -4.13 -36.65 -6.92
N ALA B 349 -4.69 -36.53 -5.72
CA ALA B 349 -4.74 -37.65 -4.80
C ALA B 349 -5.55 -38.81 -5.36
N GLY B 350 -6.46 -38.56 -6.28
CA GLY B 350 -7.28 -39.60 -6.87
C GLY B 350 -6.45 -40.65 -7.61
N SER C 292 -19.67 -28.30 -2.23
CA SER C 292 -18.33 -27.93 -2.67
C SER C 292 -18.32 -26.50 -3.18
N CYS C 293 -17.19 -25.83 -2.97
CA CYS C 293 -17.01 -24.43 -3.39
C CYS C 293 -15.93 -24.37 -4.46
N PHE C 294 -16.24 -23.69 -5.57
CA PHE C 294 -15.35 -23.64 -6.72
C PHE C 294 -14.68 -22.28 -6.90
N LEU C 295 -14.69 -21.44 -5.87
CA LEU C 295 -14.06 -20.14 -5.96
C LEU C 295 -12.55 -20.28 -6.11
N VAL C 296 -11.95 -19.32 -6.79
CA VAL C 296 -10.49 -19.22 -6.85
C VAL C 296 -10.10 -17.78 -6.60
N VAL C 297 -9.72 -17.46 -5.37
CA VAL C 297 -9.41 -16.09 -5.00
C VAL C 297 -8.18 -15.62 -5.77
N ALA C 298 -8.16 -14.33 -6.10
CA ALA C 298 -7.02 -13.76 -6.80
C ALA C 298 -5.78 -13.76 -5.91
N SER C 299 -4.63 -13.89 -6.54
CA SER C 299 -3.37 -13.94 -5.80
C SER C 299 -2.21 -13.82 -6.79
N HIS C 300 -1.16 -13.13 -6.36
CA HIS C 300 0.06 -13.01 -7.15
C HIS C 300 -0.22 -12.46 -8.54
N GLY C 301 -1.13 -11.50 -8.63
CA GLY C 301 -1.45 -10.87 -9.88
C GLY C 301 -2.45 -11.62 -10.73
N LEU C 302 -2.88 -12.81 -10.32
CA LEU C 302 -3.87 -13.55 -11.07
C LEU C 302 -5.26 -12.97 -10.84
N SER C 303 -6.17 -13.27 -11.78
CA SER C 303 -7.53 -12.76 -11.72
C SER C 303 -8.43 -13.70 -10.94
N ALA C 304 -9.28 -13.13 -10.10
CA ALA C 304 -10.20 -13.93 -9.32
C ALA C 304 -11.24 -14.59 -10.22
N ILE C 305 -11.73 -15.74 -9.78
CA ILE C 305 -12.76 -16.49 -10.49
C ILE C 305 -13.90 -16.77 -9.51
N ALA C 306 -15.11 -16.37 -9.89
CA ALA C 306 -16.28 -16.63 -9.07
C ALA C 306 -16.82 -18.03 -9.23
N ASP C 307 -16.41 -18.76 -10.27
CA ASP C 307 -16.78 -20.16 -10.44
C ASP C 307 -15.84 -20.77 -11.47
N SER C 308 -15.10 -21.81 -11.08
CA SER C 308 -14.17 -22.44 -12.01
C SER C 308 -14.91 -23.09 -13.18
N ARG C 309 -16.02 -23.76 -12.90
CA ARG C 309 -16.72 -24.50 -13.95
C ARG C 309 -17.30 -23.57 -15.01
N ILE C 310 -17.95 -22.48 -14.58
CA ILE C 310 -18.64 -21.62 -15.53
C ILE C 310 -17.69 -21.00 -16.53
N GLU C 311 -16.40 -20.90 -16.20
CA GLU C 311 -15.44 -20.32 -17.12
C GLU C 311 -15.45 -21.09 -18.44
N GLY C 312 -15.45 -20.36 -19.54
CA GLY C 312 -15.48 -20.97 -20.86
C GLY C 312 -16.83 -20.79 -21.56
#